data_2N5M
#
_entry.id   2N5M
#
_cell.length_a   1.000
_cell.length_b   1.000
_cell.length_c   1.000
_cell.angle_alpha   90.00
_cell.angle_beta   90.00
_cell.angle_gamma   90.00
#
_symmetry.space_group_name_H-M   'P 1'
#
_entity_poly.entity_id   1
_entity_poly.type   'polypeptide(L)'
_entity_poly.pdbx_seq_one_letter_code
;GGIRKTRETERLRRQLLEVFWGQDHKVDFILQREPYCRDINQLSEALLSLNF
;
_entity_poly.pdbx_strand_id   A
#
# COMPACT_ATOMS: atom_id res chain seq x y z
N GLY A 1 10.35 16.85 3.67
CA GLY A 1 9.03 16.51 3.08
C GLY A 1 8.88 15.03 2.79
N GLY A 2 8.13 14.70 1.73
CA GLY A 2 7.91 13.31 1.36
C GLY A 2 6.56 13.10 0.70
N ILE A 3 5.50 13.63 1.33
CA ILE A 3 4.08 13.54 0.87
C ILE A 3 3.66 12.12 0.42
N ARG A 4 4.02 11.73 -0.81
CA ARG A 4 3.67 10.41 -1.35
C ARG A 4 4.84 9.43 -1.22
N LYS A 5 4.63 8.39 -0.39
CA LYS A 5 5.66 7.36 -0.16
C LYS A 5 5.00 5.98 0.01
N THR A 6 5.81 4.93 -0.20
CA THR A 6 5.37 3.52 -0.06
C THR A 6 5.16 3.13 1.41
N ARG A 7 6.08 3.61 2.24
CA ARG A 7 6.12 3.37 3.71
C ARG A 7 4.79 3.67 4.43
N GLU A 8 4.08 4.74 4.02
CA GLU A 8 2.85 5.20 4.69
C GLU A 8 1.71 4.24 4.40
N THR A 9 1.66 3.80 3.14
CA THR A 9 0.67 2.86 2.64
C THR A 9 0.79 1.52 3.39
N GLU A 10 1.97 0.90 3.29
CA GLU A 10 2.28 -0.36 3.96
C GLU A 10 2.06 -0.20 5.47
N ARG A 11 2.42 0.99 5.99
CA ARG A 11 2.23 1.36 7.40
C ARG A 11 0.80 1.08 7.85
N LEU A 12 -0.19 1.39 6.98
CA LEU A 12 -1.62 1.09 7.27
C LEU A 12 -1.71 -0.36 7.67
N ARG A 13 -1.19 -1.11 6.72
CA ARG A 13 -1.16 -2.55 6.70
C ARG A 13 -0.27 -3.13 7.82
N ARG A 14 0.88 -2.49 8.08
CA ARG A 14 1.82 -2.94 9.12
C ARG A 14 1.27 -2.65 10.54
N GLN A 15 0.97 -1.36 10.85
CA GLN A 15 0.45 -0.98 12.17
C GLN A 15 -0.43 0.28 12.12
N LEU A 16 -0.01 1.28 11.32
CA LEU A 16 -0.72 2.56 11.18
C LEU A 16 -2.09 2.42 10.49
N LEU A 17 -2.71 3.57 10.15
CA LEU A 17 -4.04 3.61 9.52
C LEU A 17 -3.98 3.55 7.99
N GLU A 18 -5.13 3.22 7.39
CA GLU A 18 -5.37 3.08 5.93
C GLU A 18 -4.84 4.27 5.10
N VAL A 19 -3.51 4.38 4.82
CA VAL A 19 -3.08 5.59 4.08
C VAL A 19 -3.34 5.53 2.53
N PHE A 20 -2.42 4.93 1.72
CA PHE A 20 -2.62 4.70 0.28
C PHE A 20 -3.29 3.37 0.11
N TRP A 21 -2.47 2.42 0.59
CA TRP A 21 -2.69 1.02 0.66
C TRP A 21 -4.01 0.77 1.36
N GLY A 22 -4.37 1.61 2.32
CA GLY A 22 -5.62 1.42 3.04
C GLY A 22 -6.87 2.10 2.44
N GLN A 23 -6.74 3.35 1.94
CA GLN A 23 -7.89 4.12 1.38
C GLN A 23 -8.95 3.26 0.66
N ASP A 24 -10.22 3.39 1.12
CA ASP A 24 -11.43 2.67 0.61
C ASP A 24 -11.14 1.56 -0.44
N HIS A 25 -11.33 1.87 -1.73
CA HIS A 25 -11.06 0.92 -2.84
C HIS A 25 -9.56 0.74 -3.05
N LYS A 26 -8.86 1.86 -2.92
CA LYS A 26 -7.41 2.02 -3.08
C LYS A 26 -6.55 0.98 -2.33
N VAL A 27 -7.04 0.48 -1.19
CA VAL A 27 -6.28 -0.41 -0.28
C VAL A 27 -5.50 -1.55 -0.99
N ASP A 28 -6.15 -2.55 -1.54
CA ASP A 28 -5.46 -3.58 -2.33
C ASP A 28 -5.15 -3.01 -3.72
N PHE A 29 -6.06 -2.10 -4.09
CA PHE A 29 -6.13 -1.43 -5.39
C PHE A 29 -4.85 -0.77 -5.78
N ILE A 30 -4.08 -0.25 -4.79
CA ILE A 30 -2.84 0.48 -5.08
C ILE A 30 -2.02 -0.19 -6.20
N LEU A 31 -1.65 -1.46 -6.06
CA LEU A 31 -0.85 -2.12 -7.09
C LEU A 31 -1.67 -2.44 -8.36
N GLN A 32 -2.93 -2.89 -8.19
CA GLN A 32 -3.81 -3.21 -9.33
C GLN A 32 -4.08 -1.99 -10.23
N ARG A 33 -3.52 -0.82 -9.86
CA ARG A 33 -3.68 0.43 -10.61
C ARG A 33 -2.49 0.62 -11.58
N GLU A 34 -2.30 1.85 -12.09
CA GLU A 34 -1.22 2.16 -13.04
C GLU A 34 0.06 2.72 -12.37
N PRO A 35 -0.01 3.67 -11.36
CA PRO A 35 1.19 4.24 -10.71
C PRO A 35 2.12 3.20 -10.08
N TYR A 36 3.43 3.53 -10.05
CA TYR A 36 4.48 2.64 -9.49
C TYR A 36 4.43 2.56 -7.95
N CYS A 37 4.22 3.72 -7.30
CA CYS A 37 4.15 3.83 -5.83
C CYS A 37 3.08 2.90 -5.21
N ARG A 38 1.92 2.84 -5.88
CA ARG A 38 0.78 2.04 -5.43
C ARG A 38 1.10 0.57 -5.66
N ASP A 39 1.72 0.35 -6.83
CA ASP A 39 2.18 -0.95 -7.29
C ASP A 39 3.01 -1.66 -6.22
N ILE A 40 3.82 -0.89 -5.50
CA ILE A 40 4.74 -1.43 -4.50
C ILE A 40 3.96 -1.81 -3.26
N ASN A 41 2.99 -0.97 -2.94
CA ASN A 41 2.15 -1.11 -1.76
C ASN A 41 1.51 -2.51 -1.60
N GLN A 42 0.59 -2.96 -2.49
CA GLN A 42 0.01 -4.33 -2.34
C GLN A 42 1.04 -5.35 -2.74
N LEU A 43 1.77 -5.02 -3.79
CA LEU A 43 2.84 -5.86 -4.29
C LEU A 43 3.75 -6.25 -3.13
N SER A 44 4.28 -5.22 -2.45
CA SER A 44 5.15 -5.44 -1.29
C SER A 44 4.34 -5.96 -0.08
N GLU A 45 3.33 -5.20 0.41
CA GLU A 45 2.59 -5.67 1.59
C GLU A 45 1.58 -6.79 1.31
N ALA A 46 0.52 -6.57 0.47
CA ALA A 46 -0.46 -7.63 0.17
C ALA A 46 0.16 -8.98 -0.28
N LEU A 47 1.21 -8.97 -1.14
CA LEU A 47 1.82 -10.22 -1.63
C LEU A 47 2.64 -10.94 -0.53
N LEU A 48 3.41 -10.16 0.24
CA LEU A 48 4.26 -10.70 1.32
C LEU A 48 3.41 -11.18 2.51
N SER A 49 2.38 -10.38 2.86
CA SER A 49 1.49 -10.69 3.99
C SER A 49 0.61 -11.93 3.71
N LEU A 50 0.11 -12.05 2.47
CA LEU A 50 -0.75 -13.17 2.07
C LEU A 50 0.02 -14.49 2.01
N ASN A 51 1.24 -14.46 1.45
CA ASN A 51 2.09 -15.65 1.33
C ASN A 51 2.67 -16.09 2.68
N PHE A 52 3.29 -15.13 3.40
CA PHE A 52 3.89 -15.39 4.72
C PHE A 52 2.82 -15.58 5.80
N GLY A 1 3.70 10.31 -5.96
CA GLY A 1 5.03 10.10 -5.33
C GLY A 1 5.53 11.32 -4.60
N GLY A 2 6.12 11.10 -3.42
CA GLY A 2 6.64 12.20 -2.62
C GLY A 2 7.94 11.85 -1.92
N ILE A 3 7.92 11.86 -0.58
CA ILE A 3 9.10 11.54 0.23
C ILE A 3 9.05 10.08 0.72
N ARG A 4 7.85 9.62 1.11
CA ARG A 4 7.65 8.26 1.60
C ARG A 4 6.49 7.58 0.87
N LYS A 5 6.63 6.27 0.66
CA LYS A 5 5.61 5.47 -0.04
C LYS A 5 5.26 4.21 0.74
N THR A 6 6.23 3.71 1.52
CA THR A 6 6.08 2.50 2.35
C THR A 6 5.18 2.75 3.57
N ARG A 7 5.36 3.93 4.16
CA ARG A 7 4.62 4.36 5.36
C ARG A 7 3.08 4.24 5.25
N GLU A 8 2.50 4.58 4.09
CA GLU A 8 1.06 4.58 3.94
C GLU A 8 0.53 3.17 3.86
N THR A 9 1.24 2.30 3.13
CA THR A 9 0.83 0.92 2.90
C THR A 9 0.98 0.00 4.12
N GLU A 10 2.20 -0.21 4.58
CA GLU A 10 2.45 -1.13 5.67
C GLU A 10 2.00 -0.58 7.04
N ARG A 11 2.22 0.73 7.30
CA ARG A 11 1.79 1.34 8.57
C ARG A 11 0.25 1.36 8.67
N LEU A 12 -0.44 1.66 7.56
CA LEU A 12 -1.92 1.68 7.50
C LEU A 12 -2.51 0.36 8.01
N ARG A 13 -2.07 -0.67 7.33
CA ARG A 13 -2.49 -2.05 7.52
C ARG A 13 -1.96 -2.67 8.83
N ARG A 14 -0.70 -2.38 9.19
CA ARG A 14 -0.10 -2.95 10.42
C ARG A 14 -0.77 -2.46 11.72
N GLN A 15 -0.87 -1.12 11.92
CA GLN A 15 -1.47 -0.56 13.14
C GLN A 15 -2.29 0.71 12.90
N LEU A 16 -1.79 1.60 12.03
CA LEU A 16 -2.46 2.89 11.73
C LEU A 16 -3.77 2.68 10.94
N LEU A 17 -4.30 3.77 10.33
CA LEU A 17 -5.54 3.72 9.55
C LEU A 17 -5.27 3.29 8.11
N GLU A 18 -6.22 2.54 7.53
CA GLU A 18 -6.13 2.01 6.16
C GLU A 18 -6.04 3.13 5.10
N VAL A 19 -4.82 3.68 4.86
CA VAL A 19 -4.70 4.82 3.94
C VAL A 19 -4.75 4.51 2.40
N PHE A 20 -3.61 4.10 1.77
CA PHE A 20 -3.59 3.78 0.33
C PHE A 20 -3.98 2.33 0.04
N TRP A 21 -3.08 1.47 0.54
CA TRP A 21 -3.15 0.03 0.46
C TRP A 21 -4.43 -0.49 1.17
N GLY A 22 -4.88 0.17 2.24
CA GLY A 22 -6.08 -0.27 2.96
C GLY A 22 -7.40 0.43 2.61
N GLN A 23 -7.41 1.51 1.80
CA GLN A 23 -8.68 2.17 1.43
C GLN A 23 -9.48 1.40 0.34
N ASP A 24 -10.77 1.10 0.66
CA ASP A 24 -11.75 0.39 -0.23
C ASP A 24 -11.13 -0.40 -1.41
N HIS A 25 -11.68 -0.24 -2.64
CA HIS A 25 -11.18 -0.91 -3.88
C HIS A 25 -9.67 -0.68 -4.05
N LYS A 26 -9.27 0.54 -3.71
CA LYS A 26 -7.90 1.04 -3.73
C LYS A 26 -6.87 0.11 -3.05
N VAL A 27 -7.33 -0.65 -2.03
CA VAL A 27 -6.46 -1.47 -1.16
C VAL A 27 -5.38 -2.28 -1.91
N ASP A 28 -5.76 -3.28 -2.68
CA ASP A 28 -4.84 -4.05 -3.54
C ASP A 28 -4.53 -3.27 -4.82
N PHE A 29 -5.51 -2.43 -5.15
CA PHE A 29 -5.57 -1.63 -6.37
C PHE A 29 -4.38 -0.73 -6.51
N ILE A 30 -3.87 -0.24 -5.35
CA ILE A 30 -2.75 0.71 -5.34
C ILE A 30 -1.64 0.35 -6.30
N LEU A 31 -0.90 -0.75 -6.14
CA LEU A 31 0.23 -0.99 -7.08
C LEU A 31 -0.25 -1.20 -8.53
N GLN A 32 -1.37 -1.91 -8.71
CA GLN A 32 -1.93 -2.16 -10.04
C GLN A 32 -2.70 -0.92 -10.60
N ARG A 33 -2.04 0.25 -10.54
CA ARG A 33 -2.62 1.51 -11.04
C ARG A 33 -1.63 2.23 -11.97
N GLU A 34 -1.01 3.35 -11.52
CA GLU A 34 -0.03 4.09 -12.35
C GLU A 34 1.06 4.81 -11.51
N PRO A 35 0.72 5.76 -10.55
CA PRO A 35 1.74 6.48 -9.72
C PRO A 35 2.74 5.56 -8.99
N TYR A 36 3.83 6.15 -8.46
CA TYR A 36 4.85 5.38 -7.72
C TYR A 36 4.37 4.94 -6.33
N CYS A 37 3.69 5.87 -5.62
CA CYS A 37 3.17 5.65 -4.26
C CYS A 37 2.34 4.36 -4.14
N ARG A 38 1.52 4.09 -5.16
CA ARG A 38 0.64 2.94 -5.19
C ARG A 38 1.44 1.65 -5.40
N ASP A 39 2.45 1.76 -6.27
CA ASP A 39 3.35 0.65 -6.62
C ASP A 39 3.92 -0.05 -5.37
N ILE A 40 4.30 0.76 -4.38
CA ILE A 40 4.90 0.27 -3.13
C ILE A 40 3.82 -0.32 -2.25
N ASN A 41 2.68 0.35 -2.26
CA ASN A 41 1.53 0.01 -1.46
C ASN A 41 1.06 -1.47 -1.58
N GLN A 42 0.63 -1.98 -2.77
CA GLN A 42 0.26 -3.43 -2.87
C GLN A 42 1.55 -4.23 -2.81
N LEU A 43 2.56 -3.71 -3.49
CA LEU A 43 3.89 -4.31 -3.60
C LEU A 43 4.51 -4.64 -2.24
N SER A 44 4.76 -3.60 -1.42
CA SER A 44 5.37 -3.79 -0.10
C SER A 44 4.46 -4.57 0.86
N GLU A 45 3.28 -4.02 1.20
CA GLU A 45 2.39 -4.71 2.14
C GLU A 45 1.66 -5.90 1.52
N ALA A 46 0.80 -5.68 0.49
CA ALA A 46 0.04 -6.79 -0.10
C ALA A 46 0.88 -8.01 -0.56
N LEU A 47 2.05 -7.77 -1.21
CA LEU A 47 2.89 -8.88 -1.71
C LEU A 47 3.61 -9.62 -0.57
N LEU A 48 4.14 -8.87 0.40
CA LEU A 48 4.86 -9.47 1.54
C LEU A 48 3.92 -10.17 2.53
N SER A 49 2.76 -9.56 2.79
CA SER A 49 1.76 -10.11 3.72
C SER A 49 1.19 -11.45 3.24
N LEU A 50 0.91 -11.57 1.94
CA LEU A 50 0.36 -12.79 1.34
C LEU A 50 1.40 -13.92 1.25
N ASN A 51 2.63 -13.57 0.85
CA ASN A 51 3.73 -14.54 0.71
C ASN A 51 4.26 -15.03 2.07
N PHE A 52 4.51 -14.08 2.99
CA PHE A 52 5.02 -14.41 4.33
C PHE A 52 3.93 -15.04 5.21
N GLY A 1 7.33 14.11 -5.13
CA GLY A 1 6.41 13.15 -4.45
C GLY A 1 6.76 12.96 -2.99
N GLY A 2 7.49 11.88 -2.68
CA GLY A 2 7.89 11.59 -1.32
C GLY A 2 9.30 11.04 -1.23
N ILE A 3 9.47 9.94 -0.49
CA ILE A 3 10.77 9.31 -0.30
C ILE A 3 10.69 7.79 -0.54
N ARG A 4 9.71 7.15 0.10
CA ARG A 4 9.51 5.70 -0.02
C ARG A 4 8.02 5.36 -0.24
N LYS A 5 7.14 6.05 0.53
CA LYS A 5 5.66 5.86 0.46
C LYS A 5 5.21 4.46 0.94
N THR A 6 6.17 3.69 1.49
CA THR A 6 5.93 2.34 2.03
C THR A 6 5.15 2.39 3.36
N ARG A 7 5.49 3.39 4.18
CA ARG A 7 4.90 3.63 5.50
C ARG A 7 3.37 3.64 5.55
N GLU A 8 2.71 4.21 4.51
CA GLU A 8 1.27 4.36 4.50
C GLU A 8 0.57 3.02 4.29
N THR A 9 1.13 2.20 3.40
CA THR A 9 0.55 0.90 3.04
C THR A 9 0.70 -0.19 4.12
N GLU A 10 1.91 -0.40 4.63
CA GLU A 10 2.16 -1.45 5.63
C GLU A 10 1.57 -1.11 7.01
N ARG A 11 1.69 0.15 7.43
CA ARG A 11 1.09 0.61 8.70
C ARG A 11 -0.44 0.64 8.57
N LEU A 12 -0.87 1.08 7.37
CA LEU A 12 -2.28 1.20 6.95
C LEU A 12 -3.07 -0.09 7.18
N ARG A 13 -2.65 -1.10 6.46
CA ARG A 13 -3.25 -2.43 6.47
C ARG A 13 -3.02 -3.19 7.80
N ARG A 14 -1.80 -3.10 8.35
CA ARG A 14 -1.47 -3.78 9.62
C ARG A 14 -2.24 -3.19 10.81
N GLN A 15 -2.34 -1.85 10.85
CA GLN A 15 -3.05 -1.15 11.92
C GLN A 15 -4.50 -0.83 11.50
N LEU A 16 -5.24 -0.16 12.40
CA LEU A 16 -6.65 0.20 12.15
C LEU A 16 -6.81 1.34 11.13
N LEU A 17 -5.77 2.17 10.99
CA LEU A 17 -5.80 3.30 10.06
C LEU A 17 -5.25 2.88 8.68
N GLU A 18 -6.17 2.52 7.78
CA GLU A 18 -5.83 2.09 6.42
C GLU A 18 -5.80 3.30 5.45
N VAL A 19 -4.59 3.83 5.18
CA VAL A 19 -4.48 5.07 4.36
C VAL A 19 -4.62 4.93 2.79
N PHE A 20 -3.52 4.52 2.07
CA PHE A 20 -3.52 4.37 0.58
C PHE A 20 -4.08 3.05 0.12
N TRP A 21 -3.38 2.03 0.61
CA TRP A 21 -3.61 0.63 0.36
C TRP A 21 -4.94 0.09 0.96
N GLY A 22 -5.38 0.57 2.13
CA GLY A 22 -6.60 0.00 2.72
C GLY A 22 -7.79 0.95 2.95
N GLN A 23 -7.79 2.22 2.45
CA GLN A 23 -8.96 3.12 2.68
C GLN A 23 -10.30 2.56 2.12
N ASP A 24 -10.33 2.10 0.85
CA ASP A 24 -11.56 1.55 0.22
C ASP A 24 -11.25 0.31 -0.66
N HIS A 25 -11.91 0.17 -1.82
CA HIS A 25 -11.67 -0.94 -2.77
C HIS A 25 -10.35 -0.76 -3.56
N LYS A 26 -10.27 0.39 -4.26
CA LYS A 26 -9.12 0.83 -5.10
C LYS A 26 -7.75 0.78 -4.38
N VAL A 27 -7.79 1.08 -3.10
CA VAL A 27 -6.61 1.18 -2.22
C VAL A 27 -5.62 -0.02 -2.27
N ASP A 28 -6.02 -1.26 -1.88
CA ASP A 28 -5.13 -2.48 -1.96
C ASP A 28 -4.66 -2.68 -3.40
N PHE A 29 -5.57 -2.22 -4.21
CA PHE A 29 -5.55 -2.20 -5.68
C PHE A 29 -4.41 -1.31 -6.15
N ILE A 30 -4.02 -0.34 -5.26
CA ILE A 30 -3.04 0.70 -5.57
C ILE A 30 -1.88 0.25 -6.50
N LEU A 31 -1.17 -0.85 -6.24
CA LEU A 31 -0.06 -1.22 -7.14
C LEU A 31 -0.56 -1.75 -8.49
N GLN A 32 -1.65 -2.55 -8.47
CA GLN A 32 -2.24 -3.11 -9.71
C GLN A 32 -2.56 -2.02 -10.77
N ARG A 33 -2.44 -0.74 -10.37
CA ARG A 33 -2.68 0.41 -11.26
C ARG A 33 -1.38 0.83 -11.97
N GLU A 34 -1.28 2.11 -12.37
CA GLU A 34 -0.10 2.62 -13.08
C GLU A 34 0.80 3.54 -12.21
N PRO A 35 0.25 4.47 -11.35
CA PRO A 35 1.09 5.39 -10.51
C PRO A 35 2.15 4.69 -9.65
N TYR A 36 3.23 5.42 -9.36
CA TYR A 36 4.37 4.91 -8.56
C TYR A 36 4.03 4.75 -7.07
N CYS A 37 3.32 5.75 -6.51
CA CYS A 37 2.91 5.75 -5.09
C CYS A 37 2.02 4.56 -4.71
N ARG A 38 1.09 4.22 -5.61
CA ARG A 38 0.16 3.13 -5.41
C ARG A 38 0.90 1.80 -5.60
N ASP A 39 1.78 1.84 -6.61
CA ASP A 39 2.66 0.74 -6.99
C ASP A 39 3.45 0.19 -5.80
N ILE A 40 3.90 1.11 -4.93
CA ILE A 40 4.74 0.77 -3.78
C ILE A 40 3.89 0.15 -2.71
N ASN A 41 2.68 0.69 -2.59
CA ASN A 41 1.70 0.29 -1.59
C ASN A 41 1.44 -1.24 -1.52
N GLN A 42 0.87 -1.89 -2.58
CA GLN A 42 0.66 -3.37 -2.51
C GLN A 42 1.99 -4.06 -2.64
N LEU A 43 2.83 -3.49 -3.50
CA LEU A 43 4.18 -3.96 -3.71
C LEU A 43 4.87 -4.12 -2.34
N SER A 44 4.88 -3.02 -1.56
CA SER A 44 5.46 -3.03 -0.22
C SER A 44 4.60 -3.80 0.80
N GLU A 45 3.31 -3.40 1.00
CA GLU A 45 2.48 -4.11 2.01
C GLU A 45 2.05 -5.50 1.53
N ALA A 46 1.22 -5.55 0.47
CA ALA A 46 0.71 -6.82 -0.07
C ALA A 46 1.78 -7.90 -0.36
N LEU A 47 2.93 -7.52 -0.97
CA LEU A 47 3.97 -8.51 -1.30
C LEU A 47 4.74 -9.01 -0.06
N LEU A 48 5.07 -8.09 0.86
CA LEU A 48 5.81 -8.42 2.08
C LEU A 48 4.95 -9.20 3.10
N SER A 49 3.69 -8.77 3.26
CA SER A 49 2.76 -9.40 4.22
C SER A 49 2.30 -10.80 3.76
N LEU A 50 2.00 -10.95 2.45
CA LEU A 50 1.53 -12.22 1.89
C LEU A 50 2.65 -13.27 1.79
N ASN A 51 3.84 -12.85 1.34
CA ASN A 51 4.98 -13.76 1.19
C ASN A 51 5.60 -14.15 2.54
N PHE A 52 6.00 -13.14 3.34
CA PHE A 52 6.59 -13.37 4.66
C PHE A 52 5.54 -13.80 5.69
N GLY A 1 13.19 17.31 3.21
CA GLY A 1 12.08 16.33 3.22
C GLY A 1 12.55 14.91 2.99
N GLY A 2 11.74 14.12 2.29
CA GLY A 2 12.07 12.73 2.00
C GLY A 2 11.17 12.12 0.95
N ILE A 3 10.84 10.83 1.14
CA ILE A 3 9.97 10.10 0.21
C ILE A 3 8.77 9.49 0.94
N ARG A 4 7.60 9.59 0.32
CA ARG A 4 6.36 9.04 0.89
C ARG A 4 5.82 7.92 0.01
N LYS A 5 6.19 6.68 0.34
CA LYS A 5 5.76 5.48 -0.39
C LYS A 5 5.57 4.30 0.56
N THR A 6 6.57 4.07 1.42
CA THR A 6 6.56 2.97 2.39
C THR A 6 5.50 3.17 3.48
N ARG A 7 5.36 4.41 3.94
CA ARG A 7 4.40 4.78 5.00
C ARG A 7 2.94 4.40 4.69
N GLU A 8 2.45 4.72 3.49
CA GLU A 8 1.09 4.46 3.11
C GLU A 8 0.86 2.98 2.89
N THR A 9 1.78 2.29 2.23
CA THR A 9 1.54 0.88 1.93
C THR A 9 1.49 -0.03 3.20
N GLU A 10 2.63 -0.24 3.84
CA GLU A 10 2.72 -1.10 5.00
C GLU A 10 2.25 -0.46 6.32
N ARG A 11 2.58 0.82 6.54
CA ARG A 11 2.19 1.52 7.77
C ARG A 11 0.69 1.81 7.82
N LEU A 12 0.11 2.22 6.67
CA LEU A 12 -1.33 2.51 6.56
C LEU A 12 -2.17 1.33 7.04
N ARG A 13 -1.90 0.19 6.42
CA ARG A 13 -2.58 -1.08 6.77
C ARG A 13 -2.23 -1.55 8.20
N ARG A 14 -0.94 -1.44 8.57
CA ARG A 14 -0.47 -1.87 9.91
C ARG A 14 -1.12 -1.04 11.04
N GLN A 15 -1.22 0.27 10.82
CA GLN A 15 -1.83 1.18 11.79
C GLN A 15 -3.32 1.36 11.52
N LEU A 16 -4.00 2.15 12.37
CA LEU A 16 -5.44 2.42 12.22
C LEU A 16 -5.75 3.41 11.08
N LEU A 17 -4.68 3.95 10.47
CA LEU A 17 -4.83 4.89 9.37
C LEU A 17 -4.62 4.20 8.01
N GLU A 18 -5.71 3.60 7.51
CA GLU A 18 -5.73 2.89 6.22
C GLU A 18 -5.83 3.91 5.07
N VAL A 19 -4.68 4.50 4.65
CA VAL A 19 -4.73 5.61 3.65
C VAL A 19 -4.95 5.21 2.13
N PHE A 20 -3.89 4.78 1.38
CA PHE A 20 -4.01 4.38 -0.03
C PHE A 20 -4.45 2.95 -0.16
N TRP A 21 -3.53 2.11 0.33
CA TRP A 21 -3.65 0.68 0.36
C TRP A 21 -4.80 0.28 1.29
N GLY A 22 -4.93 0.97 2.42
CA GLY A 22 -5.94 0.66 3.42
C GLY A 22 -7.40 0.95 3.06
N GLN A 23 -7.68 2.07 2.36
CA GLN A 23 -9.08 2.45 2.01
C GLN A 23 -9.91 1.35 1.30
N ASP A 24 -10.56 0.49 2.13
CA ASP A 24 -11.44 -0.64 1.69
C ASP A 24 -10.91 -1.44 0.46
N HIS A 25 -11.63 -1.38 -0.68
CA HIS A 25 -11.27 -2.09 -1.94
C HIS A 25 -9.82 -1.80 -2.36
N LYS A 26 -9.43 -0.53 -2.15
CA LYS A 26 -8.10 0.01 -2.46
C LYS A 26 -6.93 -0.84 -1.95
N VAL A 27 -7.13 -1.59 -0.85
CA VAL A 27 -6.05 -2.34 -0.17
C VAL A 27 -5.13 -3.11 -1.15
N ASP A 28 -5.64 -4.11 -1.83
CA ASP A 28 -4.90 -4.81 -2.88
C ASP A 28 -4.92 -3.99 -4.18
N PHE A 29 -6.04 -3.27 -4.30
CA PHE A 29 -6.47 -2.51 -5.49
C PHE A 29 -5.50 -1.44 -5.92
N ILE A 30 -4.84 -0.79 -4.94
CA ILE A 30 -3.92 0.31 -5.25
C ILE A 30 -3.03 -0.01 -6.45
N LEU A 31 -2.16 -1.02 -6.36
CA LEU A 31 -1.22 -1.34 -7.45
C LEU A 31 -1.91 -1.54 -8.81
N GLN A 32 -3.06 -2.25 -8.82
CA GLN A 32 -3.84 -2.54 -10.04
C GLN A 32 -2.96 -3.02 -11.21
N ARG A 33 -2.51 -2.08 -12.09
CA ARG A 33 -1.66 -2.43 -13.26
C ARG A 33 -0.91 -1.23 -13.85
N GLU A 34 -1.31 0.01 -13.53
CA GLU A 34 -0.66 1.19 -14.13
C GLU A 34 -0.12 2.23 -13.12
N PRO A 35 -0.93 2.73 -12.11
CA PRO A 35 -0.44 3.76 -11.15
C PRO A 35 0.77 3.31 -10.31
N TYR A 36 1.79 4.18 -10.26
CA TYR A 36 3.06 3.91 -9.52
C TYR A 36 2.89 3.96 -7.99
N CYS A 37 2.27 5.03 -7.48
CA CYS A 37 2.06 5.21 -6.03
C CYS A 37 1.26 4.05 -5.43
N ARG A 38 0.24 3.61 -6.18
CA ARG A 38 -0.61 2.52 -5.78
C ARG A 38 0.16 1.22 -5.95
N ASP A 39 0.95 1.17 -7.04
CA ASP A 39 1.84 0.05 -7.39
C ASP A 39 2.72 -0.37 -6.22
N ILE A 40 3.20 0.61 -5.43
CA ILE A 40 4.13 0.34 -4.34
C ILE A 40 3.35 -0.25 -3.20
N ASN A 41 2.16 0.32 -3.04
CA ASN A 41 1.22 -0.05 -2.00
C ASN A 41 0.94 -1.58 -1.89
N GLN A 42 0.35 -2.25 -2.92
CA GLN A 42 0.12 -3.72 -2.81
C GLN A 42 1.44 -4.43 -2.94
N LEU A 43 2.25 -3.91 -3.85
CA LEU A 43 3.58 -4.42 -4.11
C LEU A 43 4.34 -4.55 -2.79
N SER A 44 4.44 -3.43 -2.06
CA SER A 44 5.11 -3.42 -0.76
C SER A 44 4.29 -4.12 0.33
N GLU A 45 3.04 -3.65 0.60
CA GLU A 45 2.23 -4.27 1.66
C GLU A 45 1.65 -5.63 1.26
N ALA A 46 0.77 -5.64 0.23
CA ALA A 46 0.13 -6.90 -0.21
C ALA A 46 1.10 -8.05 -0.55
N LEU A 47 2.23 -7.78 -1.23
CA LEU A 47 3.18 -8.85 -1.59
C LEU A 47 3.98 -9.37 -0.38
N LEU A 48 4.42 -8.45 0.50
CA LEU A 48 5.20 -8.80 1.69
C LEU A 48 4.36 -9.59 2.72
N SER A 49 3.10 -9.16 2.90
CA SER A 49 2.16 -9.80 3.84
C SER A 49 1.69 -11.17 3.35
N LEU A 50 1.38 -11.28 2.04
CA LEU A 50 0.89 -12.51 1.43
C LEU A 50 1.99 -13.59 1.31
N ASN A 51 3.21 -13.16 0.90
CA ASN A 51 4.34 -14.07 0.74
C ASN A 51 4.90 -14.55 2.10
N PHE A 52 5.20 -13.60 2.99
CA PHE A 52 5.74 -13.91 4.32
C PHE A 52 4.66 -14.50 5.25
N GLY A 1 13.71 14.84 -1.75
CA GLY A 1 13.13 14.16 -0.57
C GLY A 1 11.85 14.82 -0.08
N GLY A 2 10.75 14.08 -0.15
CA GLY A 2 9.46 14.60 0.30
C GLY A 2 8.71 13.62 1.17
N ILE A 3 7.59 13.10 0.64
CA ILE A 3 6.76 12.14 1.36
C ILE A 3 6.84 10.74 0.74
N ARG A 4 6.76 9.72 1.59
CA ARG A 4 6.82 8.32 1.13
C ARG A 4 5.45 7.66 1.23
N LYS A 5 5.18 6.75 0.29
CA LYS A 5 3.91 6.03 0.25
C LYS A 5 4.04 4.64 0.90
N THR A 6 5.18 3.97 0.62
CA THR A 6 5.49 2.62 1.16
C THR A 6 5.36 2.57 2.69
N ARG A 7 5.79 3.65 3.34
CA ARG A 7 5.75 3.78 4.80
C ARG A 7 4.31 3.83 5.34
N GLU A 8 3.39 4.52 4.61
CA GLU A 8 2.03 4.66 5.06
C GLU A 8 1.30 3.36 4.82
N THR A 9 1.51 2.81 3.61
CA THR A 9 0.89 1.58 3.13
C THR A 9 1.03 0.36 4.07
N GLU A 10 2.24 0.04 4.52
CA GLU A 10 2.42 -1.10 5.43
C GLU A 10 1.88 -0.74 6.83
N ARG A 11 2.14 0.50 7.28
CA ARG A 11 1.62 0.99 8.58
C ARG A 11 0.08 1.05 8.51
N LEU A 12 -0.38 1.52 7.34
CA LEU A 12 -1.80 1.67 6.93
C LEU A 12 -2.53 0.35 7.09
N ARG A 13 -2.02 -0.59 6.32
CA ARG A 13 -2.51 -1.98 6.26
C ARG A 13 -2.37 -2.72 7.61
N ARG A 14 -1.24 -2.51 8.32
CA ARG A 14 -1.00 -3.16 9.61
C ARG A 14 -1.86 -2.59 10.75
N GLN A 15 -2.00 -1.25 10.77
CA GLN A 15 -2.78 -0.55 11.80
C GLN A 15 -4.25 -0.39 11.39
N LEU A 16 -5.07 0.17 12.29
CA LEU A 16 -6.51 0.39 12.05
C LEU A 16 -6.77 1.44 10.96
N LEU A 17 -5.82 2.37 10.78
CA LEU A 17 -5.92 3.41 9.77
C LEU A 17 -5.14 3.02 8.51
N GLU A 18 -5.87 2.72 7.44
CA GLU A 18 -5.27 2.30 6.17
C GLU A 18 -5.34 3.47 5.14
N VAL A 19 -4.19 4.13 4.88
CA VAL A 19 -4.17 5.35 4.03
C VAL A 19 -4.25 5.20 2.45
N PHE A 20 -3.12 4.84 1.72
CA PHE A 20 -3.11 4.67 0.24
C PHE A 20 -3.59 3.29 -0.13
N TRP A 21 -2.74 2.36 0.30
CA TRP A 21 -2.92 0.94 0.16
C TRP A 21 -4.29 0.61 0.74
N GLY A 22 -4.64 1.30 1.82
CA GLY A 22 -5.93 1.12 2.48
C GLY A 22 -7.16 1.55 1.67
N GLN A 23 -7.65 2.78 1.95
CA GLN A 23 -8.87 3.35 1.31
C GLN A 23 -9.86 2.30 0.73
N ASP A 24 -10.30 1.34 1.59
CA ASP A 24 -11.26 0.26 1.23
C ASP A 24 -10.79 -0.60 0.03
N HIS A 25 -11.46 -0.47 -1.15
CA HIS A 25 -11.11 -1.21 -2.40
C HIS A 25 -9.63 -1.05 -2.73
N LYS A 26 -9.16 0.16 -2.46
CA LYS A 26 -7.79 0.64 -2.66
C LYS A 26 -6.70 -0.30 -2.09
N VAL A 27 -7.04 -1.03 -1.01
CA VAL A 27 -6.06 -1.86 -0.22
C VAL A 27 -5.09 -2.67 -1.08
N ASP A 28 -5.55 -3.64 -1.82
CA ASP A 28 -4.72 -4.35 -2.78
C ASP A 28 -4.56 -3.51 -4.07
N PHE A 29 -5.63 -2.71 -4.29
CA PHE A 29 -5.88 -1.92 -5.51
C PHE A 29 -4.75 -0.99 -5.90
N ILE A 30 -4.04 -0.38 -4.94
CA ILE A 30 -2.97 0.57 -5.30
C ILE A 30 -2.10 0.06 -6.47
N LEU A 31 -1.45 -1.09 -6.33
CA LEU A 31 -0.58 -1.56 -7.42
C LEU A 31 -1.38 -2.03 -8.65
N GLN A 32 -2.52 -2.71 -8.45
CA GLN A 32 -3.36 -3.20 -9.57
C GLN A 32 -3.81 -2.06 -10.52
N ARG A 33 -3.49 -0.80 -10.16
CA ARG A 33 -3.82 0.37 -10.97
C ARG A 33 -2.67 0.71 -11.93
N GLU A 34 -2.73 1.90 -12.57
CA GLU A 34 -1.70 2.33 -13.53
C GLU A 34 -0.54 3.16 -12.92
N PRO A 35 -0.73 3.95 -11.81
CA PRO A 35 0.37 4.77 -11.23
C PRO A 35 1.50 3.94 -10.60
N TYR A 36 2.72 4.51 -10.63
CA TYR A 36 3.92 3.84 -10.09
C TYR A 36 3.93 3.79 -8.55
N CYS A 37 3.53 4.92 -7.91
CA CYS A 37 3.49 5.04 -6.45
C CYS A 37 2.61 3.96 -5.80
N ARG A 38 1.47 3.68 -6.44
CA ARG A 38 0.51 2.68 -5.96
C ARG A 38 1.07 1.28 -6.21
N ASP A 39 1.76 1.16 -7.36
CA ASP A 39 2.41 -0.09 -7.79
C ASP A 39 3.29 -0.70 -6.70
N ILE A 40 4.03 0.15 -5.98
CA ILE A 40 4.96 -0.27 -4.94
C ILE A 40 4.18 -0.63 -3.68
N ASN A 41 3.15 0.17 -3.44
CA ASN A 41 2.28 0.08 -2.28
C ASN A 41 1.71 -1.35 -2.04
N GLN A 42 0.86 -1.90 -2.94
CA GLN A 42 0.35 -3.29 -2.76
C GLN A 42 1.44 -4.30 -3.09
N LEU A 43 2.18 -3.98 -4.15
CA LEU A 43 3.26 -4.82 -4.63
C LEU A 43 4.22 -5.18 -3.49
N SER A 44 4.87 -4.16 -2.92
CA SER A 44 5.80 -4.38 -1.81
C SER A 44 5.09 -4.75 -0.50
N GLU A 45 4.07 -3.95 -0.12
CA GLU A 45 3.34 -4.18 1.14
C GLU A 45 2.36 -5.37 1.13
N ALA A 46 1.29 -5.34 0.30
CA ALA A 46 0.35 -6.49 0.21
C ALA A 46 1.01 -7.85 -0.03
N LEU A 47 2.05 -7.92 -0.91
CA LEU A 47 2.72 -9.21 -1.20
C LEU A 47 3.58 -9.69 -0.02
N LEU A 48 4.32 -8.76 0.61
CA LEU A 48 5.21 -9.09 1.75
C LEU A 48 4.41 -9.66 2.94
N SER A 49 3.24 -9.07 3.21
CA SER A 49 2.37 -9.50 4.33
C SER A 49 1.77 -10.89 4.09
N LEU A 50 1.35 -11.16 2.83
CA LEU A 50 0.74 -12.44 2.45
C LEU A 50 1.78 -13.59 2.43
N ASN A 51 2.97 -13.30 1.90
CA ASN A 51 4.05 -14.30 1.81
C ASN A 51 4.68 -14.60 3.18
N PHE A 52 4.90 -13.55 3.99
CA PHE A 52 5.49 -13.69 5.33
C PHE A 52 4.49 -14.33 6.31
N GLY A 1 1.27 13.85 2.29
CA GLY A 1 1.98 13.39 1.07
C GLY A 1 3.11 14.32 0.67
N GLY A 2 4.33 13.77 0.59
CA GLY A 2 5.50 14.56 0.22
C GLY A 2 6.54 13.74 -0.50
N ILE A 3 7.05 12.70 0.19
CA ILE A 3 8.07 11.81 -0.38
C ILE A 3 7.83 10.36 0.03
N ARG A 4 7.89 9.45 -0.96
CA ARG A 4 7.69 8.00 -0.78
C ARG A 4 6.28 7.67 -0.26
N LYS A 5 5.57 6.82 -1.02
CA LYS A 5 4.21 6.40 -0.66
C LYS A 5 4.19 4.98 -0.08
N THR A 6 5.33 4.28 -0.19
CA THR A 6 5.50 2.90 0.31
C THR A 6 5.43 2.82 1.84
N ARG A 7 6.05 3.79 2.51
CA ARG A 7 6.10 3.87 3.97
C ARG A 7 4.71 3.90 4.63
N GLU A 8 3.75 4.62 4.03
CA GLU A 8 2.42 4.77 4.59
C GLU A 8 1.60 3.50 4.40
N THR A 9 1.78 2.93 3.20
CA THR A 9 1.07 1.73 2.77
C THR A 9 1.42 0.47 3.58
N GLU A 10 2.70 0.17 3.71
CA GLU A 10 3.12 -1.00 4.47
C GLU A 10 2.94 -0.76 5.99
N ARG A 11 3.24 0.46 6.46
CA ARG A 11 3.06 0.82 7.88
C ARG A 11 1.58 0.79 8.28
N LEU A 12 0.68 1.29 7.40
CA LEU A 12 -0.79 1.31 7.65
C LEU A 12 -1.31 -0.08 8.03
N ARG A 13 -1.14 -0.94 7.03
CA ARG A 13 -1.61 -2.31 7.03
C ARG A 13 -0.88 -3.21 8.04
N ARG A 14 0.44 -3.04 8.18
CA ARG A 14 1.23 -3.87 9.14
C ARG A 14 0.86 -3.61 10.61
N GLN A 15 0.76 -2.33 11.02
CA GLN A 15 0.43 -1.99 12.42
C GLN A 15 -0.41 -0.71 12.55
N LEU A 16 -0.10 0.31 11.73
CA LEU A 16 -0.80 1.61 11.77
C LEU A 16 -2.27 1.52 11.30
N LEU A 17 -2.86 2.66 10.92
CA LEU A 17 -4.26 2.73 10.45
C LEU A 17 -4.40 2.27 8.98
N GLU A 18 -5.09 3.08 8.15
CA GLU A 18 -5.31 2.75 6.73
C GLU A 18 -5.05 3.99 5.86
N VAL A 19 -3.75 4.33 5.61
CA VAL A 19 -3.46 5.57 4.89
C VAL A 19 -3.62 5.60 3.31
N PHE A 20 -2.61 5.11 2.53
CA PHE A 20 -2.70 5.10 1.04
C PHE A 20 -3.42 3.89 0.57
N TRP A 21 -2.74 2.80 0.88
CA TRP A 21 -3.13 1.45 0.62
C TRP A 21 -4.38 1.19 1.46
N GLY A 22 -4.40 1.74 2.66
CA GLY A 22 -5.52 1.57 3.58
C GLY A 22 -6.91 2.00 3.09
N GLN A 23 -7.06 3.27 2.67
CA GLN A 23 -8.37 3.85 2.23
C GLN A 23 -9.29 2.88 1.42
N ASP A 24 -9.99 1.98 2.16
CA ASP A 24 -10.94 0.97 1.61
C ASP A 24 -10.45 0.30 0.29
N HIS A 25 -11.04 0.72 -0.86
CA HIS A 25 -10.69 0.19 -2.21
C HIS A 25 -9.18 0.32 -2.48
N LYS A 26 -8.63 1.43 -2.01
CA LYS A 26 -7.22 1.83 -2.12
C LYS A 26 -6.22 0.73 -1.75
N VAL A 27 -6.60 -0.15 -0.81
CA VAL A 27 -5.70 -1.19 -0.23
C VAL A 27 -4.89 -1.93 -1.31
N ASP A 28 -5.54 -2.69 -2.16
CA ASP A 28 -4.92 -3.32 -3.30
C ASP A 28 -4.75 -2.29 -4.44
N PHE A 29 -5.71 -1.35 -4.44
CA PHE A 29 -5.92 -0.33 -5.47
C PHE A 29 -4.70 0.51 -5.74
N ILE A 30 -3.89 0.81 -4.70
CA ILE A 30 -2.69 1.63 -4.93
C ILE A 30 -2.01 1.19 -6.22
N LEU A 31 -1.61 -0.07 -6.30
CA LEU A 31 -0.92 -0.61 -7.47
C LEU A 31 -1.72 -0.47 -8.78
N GLN A 32 -2.95 -1.01 -8.81
CA GLN A 32 -3.83 -0.97 -10.01
C GLN A 32 -3.13 -1.56 -11.25
N ARG A 33 -2.46 -0.71 -12.07
CA ARG A 33 -1.76 -1.17 -13.29
C ARG A 33 -0.91 -0.06 -13.95
N GLU A 34 -1.03 1.19 -13.47
CA GLU A 34 -0.28 2.31 -14.07
C GLU A 34 0.74 2.99 -13.12
N PRO A 35 0.37 3.38 -11.85
CA PRO A 35 1.31 4.06 -10.94
C PRO A 35 2.33 3.10 -10.31
N TYR A 36 3.62 3.50 -10.36
CA TYR A 36 4.73 2.69 -9.81
C TYR A 36 4.78 2.70 -8.27
N CYS A 37 4.70 3.88 -7.66
CA CYS A 37 4.74 4.03 -6.19
C CYS A 37 3.64 3.23 -5.50
N ARG A 38 2.44 3.27 -6.08
CA ARG A 38 1.26 2.57 -5.58
C ARG A 38 1.45 1.07 -5.85
N ASP A 39 2.03 0.80 -7.04
CA ASP A 39 2.38 -0.55 -7.51
C ASP A 39 3.19 -1.32 -6.46
N ILE A 40 4.05 -0.57 -5.75
CA ILE A 40 4.97 -1.16 -4.78
C ILE A 40 4.20 -1.52 -3.54
N ASN A 41 3.26 -0.64 -3.21
CA ASN A 41 2.39 -0.76 -2.06
C ASN A 41 1.59 -2.10 -2.01
N GLN A 42 0.74 -2.42 -3.03
CA GLN A 42 0.01 -3.73 -3.04
C GLN A 42 1.03 -4.84 -3.14
N LEU A 43 2.01 -4.57 -4.00
CA LEU A 43 3.10 -5.47 -4.29
C LEU A 43 3.84 -5.82 -2.99
N SER A 44 4.42 -4.81 -2.36
CA SER A 44 5.15 -4.97 -1.10
C SER A 44 4.20 -5.21 0.08
N GLU A 45 3.22 -4.31 0.29
CA GLU A 45 2.29 -4.46 1.41
C GLU A 45 1.25 -5.58 1.21
N ALA A 46 0.35 -5.47 0.21
CA ALA A 46 -0.67 -6.52 0.00
C ALA A 46 -0.11 -7.95 -0.21
N LEU A 47 0.99 -8.12 -0.98
CA LEU A 47 1.53 -9.47 -1.25
C LEU A 47 2.23 -10.08 -0.03
N LEU A 48 3.01 -9.28 0.71
CA LEU A 48 3.75 -9.75 1.89
C LEU A 48 2.82 -10.19 3.04
N SER A 49 1.75 -9.41 3.28
CA SER A 49 0.79 -9.71 4.36
C SER A 49 -0.09 -10.92 4.05
N LEU A 50 -0.56 -11.01 2.79
CA LEU A 50 -1.43 -12.12 2.34
C LEU A 50 -0.68 -13.44 2.21
N ASN A 51 0.54 -13.40 1.64
CA ASN A 51 1.37 -14.60 1.44
C ASN A 51 1.94 -15.14 2.76
N PHE A 52 2.59 -14.25 3.54
CA PHE A 52 3.19 -14.63 4.83
C PHE A 52 2.13 -14.88 5.91
N GLY A 1 12.26 15.64 -0.11
CA GLY A 1 12.19 14.69 1.04
C GLY A 1 11.10 13.64 0.86
N GLY A 2 11.20 12.89 -0.25
CA GLY A 2 10.22 11.84 -0.53
C GLY A 2 10.64 10.97 -1.71
N ILE A 3 10.47 9.66 -1.54
CA ILE A 3 10.83 8.69 -2.59
C ILE A 3 9.81 7.55 -2.67
N ARG A 4 9.44 7.01 -1.51
CA ARG A 4 8.47 5.91 -1.44
C ARG A 4 7.37 6.21 -0.42
N LYS A 5 6.15 5.78 -0.74
CA LYS A 5 4.99 5.98 0.13
C LYS A 5 4.69 4.70 0.93
N THR A 6 5.71 4.26 1.68
CA THR A 6 5.63 3.04 2.51
C THR A 6 4.74 3.24 3.75
N ARG A 7 4.84 4.43 4.36
CA ARG A 7 4.10 4.78 5.58
C ARG A 7 2.57 4.63 5.47
N GLU A 8 1.98 5.02 4.32
CA GLU A 8 0.54 4.96 4.15
C GLU A 8 0.09 3.54 3.95
N THR A 9 0.85 2.79 3.16
CA THR A 9 0.53 1.40 2.82
C THR A 9 0.75 0.38 3.95
N GLU A 10 2.00 0.22 4.38
CA GLU A 10 2.34 -0.76 5.41
C GLU A 10 1.91 -0.34 6.81
N ARG A 11 2.07 0.95 7.17
CA ARG A 11 1.68 1.44 8.51
C ARG A 11 0.15 1.52 8.65
N LEU A 12 -0.55 1.98 7.59
CA LEU A 12 -2.02 2.14 7.61
C LEU A 12 -2.74 0.82 7.92
N ARG A 13 -2.56 -0.11 7.00
CA ARG A 13 -3.17 -1.45 7.05
C ARG A 13 -2.69 -2.32 8.23
N ARG A 14 -1.38 -2.28 8.56
CA ARG A 14 -0.83 -3.11 9.66
C ARG A 14 -1.63 -2.95 10.97
N GLN A 15 -2.03 -1.71 11.27
CA GLN A 15 -2.82 -1.42 12.47
C GLN A 15 -4.32 -1.47 12.16
N LEU A 16 -4.74 -0.78 11.08
CA LEU A 16 -6.15 -0.73 10.63
C LEU A 16 -6.25 -0.07 9.25
N LEU A 17 -6.87 -0.78 8.30
CA LEU A 17 -7.05 -0.30 6.89
C LEU A 17 -7.53 1.16 6.87
N GLU A 18 -6.76 2.07 6.23
CA GLU A 18 -7.16 3.48 6.22
C GLU A 18 -6.82 4.32 4.97
N VAL A 19 -5.55 4.78 4.82
CA VAL A 19 -5.26 5.75 3.74
C VAL A 19 -5.13 5.23 2.25
N PHE A 20 -3.94 4.72 1.82
CA PHE A 20 -3.77 4.28 0.41
C PHE A 20 -4.21 2.86 0.17
N TRP A 21 -3.44 2.00 0.80
CA TRP A 21 -3.57 0.57 0.75
C TRP A 21 -4.80 0.11 1.54
N GLY A 22 -5.04 0.72 2.69
CA GLY A 22 -6.16 0.33 3.55
C GLY A 22 -7.55 0.87 3.18
N GLN A 23 -7.66 2.07 2.53
CA GLN A 23 -8.98 2.67 2.18
C GLN A 23 -10.13 1.61 2.04
N ASP A 24 -10.27 0.96 0.87
CA ASP A 24 -11.29 -0.08 0.63
C ASP A 24 -10.82 -1.02 -0.49
N HIS A 25 -11.26 -0.76 -1.74
CA HIS A 25 -10.84 -1.51 -2.94
C HIS A 25 -9.33 -1.34 -3.12
N LYS A 26 -8.92 -0.11 -2.79
CA LYS A 26 -7.56 0.41 -2.84
C LYS A 26 -6.48 -0.51 -2.24
N VAL A 27 -6.86 -1.34 -1.24
CA VAL A 27 -5.88 -2.18 -0.49
C VAL A 27 -4.86 -2.86 -1.41
N ASP A 28 -5.27 -3.79 -2.22
CA ASP A 28 -4.43 -4.39 -3.25
C ASP A 28 -4.36 -3.46 -4.48
N PHE A 29 -5.47 -2.74 -4.65
CA PHE A 29 -5.76 -1.90 -5.82
C PHE A 29 -4.71 -0.86 -6.10
N ILE A 30 -4.08 -0.30 -5.05
CA ILE A 30 -3.09 0.76 -5.24
C ILE A 30 -2.14 0.43 -6.41
N LEU A 31 -1.46 -0.70 -6.40
CA LEU A 31 -0.54 -1.04 -7.53
C LEU A 31 -1.29 -1.44 -8.81
N GLN A 32 -2.37 -2.23 -8.68
CA GLN A 32 -3.14 -2.72 -9.84
C GLN A 32 -3.75 -1.60 -10.68
N ARG A 33 -3.29 -1.52 -11.96
CA ARG A 33 -3.76 -0.53 -12.96
C ARG A 33 -3.78 0.91 -12.43
N GLU A 34 -2.75 1.28 -11.66
CA GLU A 34 -2.64 2.62 -11.09
C GLU A 34 -1.17 3.11 -11.04
N PRO A 35 -0.92 4.47 -10.92
CA PRO A 35 0.46 5.07 -10.87
C PRO A 35 1.47 4.33 -9.98
N TYR A 36 2.76 4.69 -10.16
CA TYR A 36 3.90 4.10 -9.43
C TYR A 36 3.77 4.21 -7.90
N CYS A 37 3.31 5.38 -7.42
CA CYS A 37 3.15 5.65 -5.97
C CYS A 37 2.28 4.58 -5.29
N ARG A 38 1.19 4.18 -5.97
CA ARG A 38 0.25 3.19 -5.47
C ARG A 38 0.89 1.82 -5.56
N ASP A 39 1.64 1.63 -6.65
CA ASP A 39 2.43 0.42 -6.91
C ASP A 39 3.30 0.05 -5.71
N ILE A 40 3.80 1.08 -5.01
CA ILE A 40 4.73 0.93 -3.90
C ILE A 40 3.94 0.42 -2.73
N ASN A 41 2.73 0.97 -2.61
CA ASN A 41 1.79 0.61 -1.57
C ASN A 41 1.51 -0.92 -1.55
N GLN A 42 0.92 -1.50 -2.62
CA GLN A 42 0.68 -2.97 -2.69
C GLN A 42 2.00 -3.68 -2.56
N LEU A 43 2.98 -3.10 -3.23
CA LEU A 43 4.35 -3.55 -3.25
C LEU A 43 4.86 -3.69 -1.81
N SER A 44 4.78 -2.59 -1.06
CA SER A 44 5.24 -2.57 0.34
C SER A 44 4.35 -3.42 1.25
N GLU A 45 3.06 -3.07 1.42
CA GLU A 45 2.17 -3.85 2.30
C GLU A 45 1.74 -5.20 1.70
N ALA A 46 1.00 -5.19 0.57
CA ALA A 46 0.54 -6.46 -0.03
C ALA A 46 1.63 -7.50 -0.31
N LEU A 47 2.81 -7.10 -0.84
CA LEU A 47 3.88 -8.07 -1.15
C LEU A 47 4.58 -8.61 0.10
N LEU A 48 4.86 -7.72 1.07
CA LEU A 48 5.54 -8.12 2.32
C LEU A 48 4.66 -9.03 3.19
N SER A 49 3.36 -8.71 3.28
CA SER A 49 2.40 -9.48 4.08
C SER A 49 2.07 -10.84 3.44
N LEU A 50 1.90 -10.85 2.11
CA LEU A 50 1.56 -12.09 1.36
C LEU A 50 2.75 -13.06 1.27
N ASN A 51 3.96 -12.52 1.01
CA ASN A 51 5.17 -13.35 0.90
C ASN A 51 5.64 -13.87 2.26
N PHE A 52 5.82 -12.96 3.23
CA PHE A 52 6.26 -13.33 4.59
C PHE A 52 5.15 -14.03 5.38
N GLY A 1 14.13 7.58 -6.53
CA GLY A 1 13.13 7.48 -5.42
C GLY A 1 13.25 6.18 -4.67
N GLY A 2 12.10 5.68 -4.18
CA GLY A 2 12.08 4.43 -3.43
C GLY A 2 10.94 4.39 -2.41
N ILE A 3 11.10 5.15 -1.32
CA ILE A 3 10.09 5.20 -0.26
C ILE A 3 9.71 6.65 0.07
N ARG A 4 8.41 6.94 0.04
CA ARG A 4 7.89 8.28 0.33
C ARG A 4 6.64 8.20 1.22
N LYS A 5 5.69 7.34 0.84
CA LYS A 5 4.46 7.17 1.60
C LYS A 5 4.36 5.74 2.16
N THR A 6 5.23 5.47 3.13
CA THR A 6 5.31 4.16 3.81
C THR A 6 4.13 3.92 4.77
N ARG A 7 3.75 4.98 5.49
CA ARG A 7 2.65 4.93 6.48
C ARG A 7 1.31 4.43 5.92
N GLU A 8 0.92 4.90 4.73
CA GLU A 8 -0.35 4.56 4.13
C GLU A 8 -0.33 3.13 3.63
N THR A 9 0.78 2.71 3.02
CA THR A 9 0.86 1.36 2.45
C THR A 9 0.96 0.22 3.51
N GLU A 10 2.09 0.14 4.19
CA GLU A 10 2.33 -0.91 5.17
C GLU A 10 1.60 -0.69 6.51
N ARG A 11 1.55 0.56 7.00
CA ARG A 11 0.88 0.87 8.27
C ARG A 11 -0.65 0.78 8.12
N LEU A 12 -1.19 1.27 6.98
CA LEU A 12 -2.65 1.26 6.73
C LEU A 12 -3.27 -0.12 6.94
N ARG A 13 -2.80 -1.07 6.14
CA ARG A 13 -3.30 -2.45 6.19
C ARG A 13 -2.88 -3.19 7.48
N ARG A 14 -1.63 -3.01 7.93
CA ARG A 14 -1.13 -3.66 9.15
C ARG A 14 -1.94 -3.22 10.39
N GLN A 15 -2.25 -1.91 10.44
CA GLN A 15 -3.04 -1.33 11.53
C GLN A 15 -4.53 -1.33 11.18
N LEU A 16 -5.35 -0.69 12.03
CA LEU A 16 -6.81 -0.63 11.82
C LEU A 16 -7.24 0.48 10.85
N LEU A 17 -6.31 1.37 10.48
CA LEU A 17 -6.60 2.48 9.57
C LEU A 17 -6.17 2.17 8.13
N GLU A 18 -7.06 1.49 7.39
CA GLU A 18 -6.83 1.10 5.98
C GLU A 18 -7.09 2.31 5.06
N VAL A 19 -6.05 3.15 4.88
CA VAL A 19 -6.16 4.42 4.12
C VAL A 19 -6.22 4.36 2.54
N PHE A 20 -5.05 4.16 1.84
CA PHE A 20 -5.01 4.14 0.35
C PHE A 20 -5.47 2.82 -0.18
N TRP A 21 -4.66 1.84 0.21
CA TRP A 21 -4.87 0.45 -0.09
C TRP A 21 -6.25 0.07 0.49
N GLY A 22 -6.53 0.59 1.68
CA GLY A 22 -7.77 0.35 2.40
C GLY A 22 -9.02 0.37 1.55
N GLN A 23 -9.59 1.58 1.33
CA GLN A 23 -10.84 1.76 0.54
C GLN A 23 -11.69 0.47 0.38
N ASP A 24 -11.38 -0.36 -0.66
CA ASP A 24 -12.07 -1.65 -0.91
C ASP A 24 -11.26 -2.49 -1.92
N HIS A 25 -11.42 -2.18 -3.22
CA HIS A 25 -10.70 -2.83 -4.33
C HIS A 25 -9.23 -2.38 -4.32
N LYS A 26 -9.08 -1.12 -3.97
CA LYS A 26 -7.83 -0.35 -3.87
C LYS A 26 -6.67 -1.06 -3.16
N VAL A 27 -6.95 -1.95 -2.19
CA VAL A 27 -5.88 -2.56 -1.33
C VAL A 27 -4.67 -3.03 -2.15
N ASP A 28 -4.81 -4.03 -2.98
CA ASP A 28 -3.77 -4.48 -3.90
C ASP A 28 -3.69 -3.55 -5.12
N PHE A 29 -4.88 -3.02 -5.44
CA PHE A 29 -5.19 -2.24 -6.65
C PHE A 29 -4.39 -0.96 -6.78
N ILE A 30 -4.09 -0.32 -5.65
CA ILE A 30 -3.37 0.95 -5.62
C ILE A 30 -2.16 0.99 -6.57
N LEU A 31 -1.19 0.10 -6.44
CA LEU A 31 0.00 0.12 -7.29
C LEU A 31 -0.27 -0.31 -8.74
N GLN A 32 -1.10 -1.36 -8.91
CA GLN A 32 -1.45 -1.94 -10.24
C GLN A 32 -1.33 -0.95 -11.43
N ARG A 33 -2.12 0.14 -11.40
CA ARG A 33 -2.09 1.16 -12.46
C ARG A 33 -2.47 2.54 -11.90
N GLU A 34 -1.62 3.06 -11.01
CA GLU A 34 -1.84 4.37 -10.36
C GLU A 34 -0.52 5.03 -9.94
N PRO A 35 -0.49 6.39 -9.67
CA PRO A 35 0.72 7.15 -9.25
C PRO A 35 1.56 6.48 -8.13
N TYR A 36 2.66 7.17 -7.76
CA TYR A 36 3.63 6.70 -6.75
C TYR A 36 3.01 6.33 -5.40
N CYS A 37 2.05 7.13 -4.92
CA CYS A 37 1.39 6.89 -3.62
C CYS A 37 0.70 5.52 -3.56
N ARG A 38 -0.06 5.19 -4.61
CA ARG A 38 -0.76 3.92 -4.72
C ARG A 38 0.26 2.82 -5.03
N ASP A 39 1.22 3.21 -5.89
CA ASP A 39 2.34 2.38 -6.32
C ASP A 39 3.07 1.75 -5.13
N ILE A 40 3.21 2.54 -4.04
CA ILE A 40 3.95 2.15 -2.85
C ILE A 40 3.11 1.17 -2.04
N ASN A 41 1.81 1.45 -2.04
CA ASN A 41 0.81 0.67 -1.32
C ASN A 41 0.88 -0.86 -1.57
N GLN A 42 0.68 -1.36 -2.81
CA GLN A 42 0.79 -2.85 -3.04
C GLN A 42 2.27 -3.21 -2.96
N LEU A 43 3.08 -2.32 -3.54
CA LEU A 43 4.52 -2.46 -3.56
C LEU A 43 5.09 -2.72 -2.16
N SER A 44 4.94 -1.73 -1.27
CA SER A 44 5.39 -1.82 0.12
C SER A 44 4.53 -2.73 1.00
N GLU A 45 3.18 -2.58 0.94
CA GLU A 45 2.30 -3.40 1.80
C GLU A 45 2.23 -4.85 1.35
N ALA A 46 1.77 -5.12 0.12
CA ALA A 46 1.64 -6.51 -0.37
C ALA A 46 2.96 -7.30 -0.35
N LEU A 47 4.09 -6.69 -0.75
CA LEU A 47 5.40 -7.39 -0.79
C LEU A 47 5.93 -7.71 0.61
N LEU A 48 5.79 -6.76 1.54
CA LEU A 48 6.26 -6.93 2.93
C LEU A 48 5.41 -7.92 3.72
N SER A 49 4.07 -7.85 3.53
CA SER A 49 3.12 -8.73 4.23
C SER A 49 3.16 -10.17 3.72
N LEU A 50 3.26 -10.34 2.39
CA LEU A 50 3.29 -11.67 1.76
C LEU A 50 4.63 -12.40 1.97
N ASN A 51 5.74 -11.65 1.85
CA ASN A 51 7.09 -12.22 2.03
C ASN A 51 7.38 -12.50 3.52
N PHE A 52 7.32 -11.46 4.36
CA PHE A 52 7.57 -11.57 5.80
C PHE A 52 6.41 -12.28 6.52
N GLY A 1 8.85 16.12 4.69
CA GLY A 1 9.09 16.23 3.22
C GLY A 1 9.67 14.96 2.62
N GLY A 2 9.40 14.74 1.33
CA GLY A 2 9.89 13.56 0.64
C GLY A 2 8.99 13.14 -0.50
N ILE A 3 8.96 11.83 -0.77
CA ILE A 3 8.14 11.27 -1.84
C ILE A 3 7.01 10.37 -1.30
N ARG A 4 7.33 9.59 -0.25
CA ARG A 4 6.39 8.65 0.41
C ARG A 4 5.84 7.59 -0.56
N LYS A 5 6.19 6.33 -0.30
CA LYS A 5 5.75 5.20 -1.13
C LYS A 5 5.38 3.99 -0.26
N THR A 6 6.37 3.47 0.50
CA THR A 6 6.19 2.33 1.41
C THR A 6 5.39 2.70 2.66
N ARG A 7 5.67 3.90 3.18
CA ARG A 7 5.05 4.44 4.40
C ARG A 7 3.52 4.40 4.43
N GLU A 8 2.83 4.70 3.32
CA GLU A 8 1.38 4.75 3.32
C GLU A 8 0.79 3.36 3.36
N THR A 9 1.41 2.46 2.58
CA THR A 9 0.96 1.08 2.46
C THR A 9 1.24 0.18 3.67
N GLU A 10 2.51 -0.04 3.96
CA GLU A 10 2.90 -0.91 5.06
C GLU A 10 2.66 -0.28 6.44
N ARG A 11 2.94 1.03 6.60
CA ARG A 11 2.70 1.71 7.88
C ARG A 11 1.19 1.72 8.22
N LEU A 12 0.33 1.97 7.19
CA LEU A 12 -1.14 1.98 7.38
C LEU A 12 -1.59 0.66 8.02
N ARG A 13 -1.32 -0.38 7.26
CA ARG A 13 -1.67 -1.77 7.55
C ARG A 13 -1.00 -2.29 8.83
N ARG A 14 0.28 -1.95 9.03
CA ARG A 14 1.02 -2.37 10.24
C ARG A 14 0.39 -1.75 11.51
N GLN A 15 0.02 -0.47 11.39
CA GLN A 15 -0.63 0.28 12.47
C GLN A 15 -2.16 0.22 12.34
N LEU A 16 -2.87 0.96 13.21
CA LEU A 16 -4.35 0.99 13.19
C LEU A 16 -4.89 2.02 12.18
N LEU A 17 -4.34 1.97 10.96
CA LEU A 17 -4.74 2.89 9.87
C LEU A 17 -4.89 2.14 8.55
N GLU A 18 -5.46 2.82 7.54
CA GLU A 18 -5.67 2.24 6.20
C GLU A 18 -5.61 3.33 5.12
N VAL A 19 -4.39 3.87 4.84
CA VAL A 19 -4.30 5.00 3.91
C VAL A 19 -4.44 4.67 2.38
N PHE A 20 -3.35 4.22 1.70
CA PHE A 20 -3.41 3.88 0.26
C PHE A 20 -3.86 2.45 0.03
N TRP A 21 -2.99 1.57 0.51
CA TRP A 21 -3.11 0.14 0.48
C TRP A 21 -4.33 -0.33 1.32
N GLY A 22 -4.65 0.37 2.41
CA GLY A 22 -5.77 -0.01 3.26
C GLY A 22 -7.12 0.66 2.97
N GLN A 23 -7.19 1.73 2.15
CA GLN A 23 -8.49 2.38 1.85
C GLN A 23 -9.37 1.55 0.89
N ASP A 24 -10.62 1.25 1.35
CA ASP A 24 -11.68 0.48 0.62
C ASP A 24 -11.16 -0.34 -0.60
N HIS A 25 -11.85 -0.22 -1.77
CA HIS A 25 -11.47 -0.93 -3.03
C HIS A 25 -9.99 -0.69 -3.37
N LYS A 26 -9.58 0.55 -3.11
CA LYS A 26 -8.23 1.09 -3.30
C LYS A 26 -7.11 0.19 -2.73
N VAL A 27 -7.43 -0.57 -1.65
CA VAL A 27 -6.45 -1.35 -0.87
C VAL A 27 -5.45 -2.16 -1.71
N ASP A 28 -5.88 -3.19 -2.41
CA ASP A 28 -5.04 -3.96 -3.33
C ASP A 28 -4.90 -3.19 -4.64
N PHE A 29 -5.97 -2.43 -4.89
CA PHE A 29 -6.21 -1.64 -6.10
C PHE A 29 -5.04 -0.75 -6.42
N ILE A 30 -4.37 -0.25 -5.36
CA ILE A 30 -3.25 0.66 -5.54
C ILE A 30 -2.30 0.17 -6.65
N LEU A 31 -1.66 -0.99 -6.50
CA LEU A 31 -0.74 -1.49 -7.52
C LEU A 31 -1.44 -1.82 -8.85
N GLN A 32 -2.64 -2.43 -8.78
CA GLN A 32 -3.41 -2.79 -9.99
C GLN A 32 -3.69 -1.58 -10.92
N ARG A 33 -3.35 -0.37 -10.44
CA ARG A 33 -3.52 0.87 -11.20
C ARG A 33 -2.26 1.17 -12.04
N GLU A 34 -2.17 2.39 -12.59
CA GLU A 34 -1.04 2.79 -13.43
C GLU A 34 0.13 3.45 -12.65
N PRO A 35 -0.12 4.36 -11.64
CA PRO A 35 0.97 5.04 -10.88
C PRO A 35 1.91 4.08 -10.14
N TYR A 36 3.16 4.54 -9.94
CA TYR A 36 4.21 3.78 -9.24
C TYR A 36 3.96 3.70 -7.72
N CYS A 37 3.53 4.82 -7.13
CA CYS A 37 3.25 4.91 -5.68
C CYS A 37 2.25 3.84 -5.20
N ARG A 38 1.23 3.58 -6.02
CA ARG A 38 0.19 2.61 -5.72
C ARG A 38 0.76 1.21 -5.92
N ASP A 39 1.57 1.10 -6.98
CA ASP A 39 2.30 -0.11 -7.36
C ASP A 39 3.07 -0.69 -6.18
N ILE A 40 3.65 0.20 -5.36
CA ILE A 40 4.51 -0.18 -4.24
C ILE A 40 3.62 -0.67 -3.10
N ASN A 41 2.50 0.01 -2.97
CA ASN A 41 1.52 -0.23 -1.95
C ASN A 41 1.09 -1.72 -1.82
N GLN A 42 0.45 -2.34 -2.84
CA GLN A 42 0.09 -3.78 -2.73
C GLN A 42 1.36 -4.60 -2.85
N LEU A 43 2.22 -4.14 -3.76
CA LEU A 43 3.51 -4.76 -4.02
C LEU A 43 4.25 -4.98 -2.69
N SER A 44 4.50 -3.88 -1.98
CA SER A 44 5.19 -3.93 -0.69
C SER A 44 4.32 -4.59 0.39
N GLU A 45 3.14 -4.01 0.73
CA GLU A 45 2.32 -4.62 1.78
C GLU A 45 1.55 -5.86 1.32
N ALA A 46 0.63 -5.72 0.35
CA ALA A 46 -0.17 -6.89 -0.10
C ALA A 46 0.66 -8.14 -0.49
N LEU A 47 1.81 -7.99 -1.20
CA LEU A 47 2.61 -9.15 -1.61
C LEU A 47 3.39 -9.78 -0.44
N LEU A 48 3.99 -8.94 0.41
CA LEU A 48 4.77 -9.41 1.57
C LEU A 48 3.88 -9.99 2.68
N SER A 49 2.74 -9.32 2.94
CA SER A 49 1.80 -9.74 3.98
C SER A 49 1.09 -11.07 3.62
N LEU A 50 0.71 -11.20 2.34
CA LEU A 50 0.02 -12.41 1.85
C LEU A 50 0.97 -13.61 1.74
N ASN A 51 2.21 -13.37 1.27
CA ASN A 51 3.21 -14.42 1.10
C ASN A 51 3.77 -14.90 2.46
N PHE A 52 4.23 -13.94 3.28
CA PHE A 52 4.79 -14.24 4.61
C PHE A 52 3.70 -14.63 5.60
N GLY A 1 3.47 11.26 -8.71
CA GLY A 1 3.66 10.98 -7.25
C GLY A 1 4.17 12.19 -6.49
N GLY A 2 5.14 11.96 -5.61
CA GLY A 2 5.72 13.04 -4.82
C GLY A 2 6.63 12.53 -3.72
N ILE A 3 6.08 11.67 -2.85
CA ILE A 3 6.84 11.10 -1.74
C ILE A 3 6.51 9.62 -1.54
N ARG A 4 7.54 8.77 -1.69
CA ARG A 4 7.39 7.31 -1.54
C ARG A 4 7.59 6.91 -0.08
N LYS A 5 6.52 6.34 0.52
CA LYS A 5 6.58 5.91 1.92
C LYS A 5 5.92 4.56 2.16
N THR A 6 6.67 3.68 2.82
CA THR A 6 6.25 2.31 3.19
C THR A 6 5.22 2.34 4.33
N ARG A 7 5.44 3.28 5.25
CA ARG A 7 4.61 3.48 6.45
C ARG A 7 3.10 3.55 6.21
N GLU A 8 2.64 4.17 5.12
CA GLU A 8 1.20 4.31 4.88
C GLU A 8 0.58 2.99 4.50
N THR A 9 1.28 2.25 3.63
CA THR A 9 0.80 0.96 3.14
C THR A 9 0.87 -0.19 4.17
N GLU A 10 2.07 -0.52 4.64
CA GLU A 10 2.25 -1.62 5.59
C GLU A 10 1.75 -1.30 7.00
N ARG A 11 2.00 -0.08 7.50
CA ARG A 11 1.54 0.30 8.86
C ARG A 11 0.00 0.34 8.93
N LEU A 12 -0.66 0.88 7.87
CA LEU A 12 -2.15 0.95 7.80
C LEU A 12 -2.74 -0.43 8.06
N ARG A 13 -2.37 -1.30 7.13
CA ARG A 13 -2.83 -2.67 7.02
C ARG A 13 -2.36 -3.55 8.20
N ARG A 14 -1.11 -3.39 8.65
CA ARG A 14 -0.59 -4.15 9.81
C ARG A 14 -1.31 -3.69 11.10
N GLN A 15 -1.49 -2.37 11.21
CA GLN A 15 -2.18 -1.76 12.35
C GLN A 15 -3.62 -1.41 11.95
N LEU A 16 -4.18 -0.32 12.50
CA LEU A 16 -5.55 0.10 12.17
C LEU A 16 -5.62 1.59 11.81
N LEU A 17 -5.54 1.87 10.50
CA LEU A 17 -5.60 3.25 9.97
C LEU A 17 -6.16 3.27 8.55
N GLU A 18 -5.66 2.34 7.69
CA GLU A 18 -6.09 2.21 6.27
C GLU A 18 -5.82 3.50 5.47
N VAL A 19 -4.55 3.91 5.38
CA VAL A 19 -4.24 5.20 4.72
C VAL A 19 -4.24 5.23 3.14
N PHE A 20 -3.14 4.80 2.46
CA PHE A 20 -3.08 4.78 0.98
C PHE A 20 -3.68 3.52 0.45
N TRP A 21 -2.97 2.46 0.86
CA TRP A 21 -3.28 1.12 0.56
C TRP A 21 -4.65 0.83 1.20
N GLY A 22 -4.89 1.40 2.37
CA GLY A 22 -6.15 1.21 3.11
C GLY A 22 -7.43 1.58 2.39
N GLN A 23 -7.50 2.80 1.79
CA GLN A 23 -8.72 3.24 1.07
C GLN A 23 -9.35 2.10 0.23
N ASP A 24 -10.69 1.94 0.37
CA ASP A 24 -11.52 0.90 -0.29
C ASP A 24 -10.81 0.14 -1.46
N HIS A 25 -11.12 0.49 -2.72
CA HIS A 25 -10.52 -0.14 -3.92
C HIS A 25 -8.98 -0.03 -3.88
N LYS A 26 -8.53 1.12 -3.40
CA LYS A 26 -7.12 1.52 -3.25
C LYS A 26 -6.21 0.47 -2.59
N VAL A 27 -6.76 -0.36 -1.69
CA VAL A 27 -5.94 -1.33 -0.89
C VAL A 27 -4.91 -2.08 -1.74
N ASP A 28 -5.34 -2.94 -2.64
CA ASP A 28 -4.46 -3.61 -3.59
C ASP A 28 -4.13 -2.66 -4.75
N PHE A 29 -5.13 -1.79 -5.01
CA PHE A 29 -5.17 -0.86 -6.15
C PHE A 29 -4.00 0.08 -6.22
N ILE A 30 -3.49 0.50 -5.05
CA ILE A 30 -2.40 1.45 -5.01
C ILE A 30 -1.30 1.11 -6.05
N LEU A 31 -0.66 -0.05 -5.99
CA LEU A 31 0.40 -0.35 -6.96
C LEU A 31 -0.15 -0.67 -8.36
N GLN A 32 -1.25 -1.43 -8.45
CA GLN A 32 -1.86 -1.81 -9.74
C GLN A 32 -2.14 -0.60 -10.65
N ARG A 33 -1.22 -0.38 -11.62
CA ARG A 33 -1.30 0.73 -12.61
C ARG A 33 -1.47 2.11 -11.95
N GLU A 34 -0.43 2.54 -11.20
CA GLU A 34 -0.43 3.82 -10.49
C GLU A 34 1.01 4.26 -10.10
N PRO A 35 1.24 5.57 -9.72
CA PRO A 35 2.58 6.11 -9.32
C PRO A 35 3.41 5.21 -8.39
N TYR A 36 4.66 5.65 -8.12
CA TYR A 36 5.63 4.91 -7.28
C TYR A 36 5.17 4.70 -5.83
N CYS A 37 4.56 5.73 -5.22
CA CYS A 37 4.09 5.65 -3.81
C CYS A 37 3.05 4.53 -3.63
N ARG A 38 2.12 4.45 -4.58
CA ARG A 38 1.08 3.44 -4.58
C ARG A 38 1.70 2.09 -4.99
N ASP A 39 2.64 2.19 -5.95
CA ASP A 39 3.41 1.06 -6.48
C ASP A 39 4.04 0.21 -5.36
N ILE A 40 4.53 0.90 -4.31
CA ILE A 40 5.24 0.24 -3.22
C ILE A 40 4.23 -0.42 -2.31
N ASN A 41 3.12 0.27 -2.17
CA ASN A 41 2.00 -0.14 -1.33
C ASN A 41 1.50 -1.61 -1.54
N GLN A 42 0.97 -2.01 -2.74
CA GLN A 42 0.53 -3.44 -2.93
C GLN A 42 1.77 -4.29 -2.95
N LEU A 43 2.80 -3.75 -3.61
CA LEU A 43 4.09 -4.36 -3.74
C LEU A 43 4.67 -4.76 -2.38
N SER A 44 4.90 -3.76 -1.53
CA SER A 44 5.45 -3.96 -0.19
C SER A 44 4.43 -4.58 0.78
N GLU A 45 3.23 -3.97 0.95
CA GLU A 45 2.27 -4.53 1.90
C GLU A 45 1.59 -5.80 1.39
N ALA A 46 0.80 -5.69 0.30
CA ALA A 46 0.07 -6.87 -0.23
C ALA A 46 0.96 -8.09 -0.58
N LEU A 47 2.14 -7.88 -1.19
CA LEU A 47 3.01 -9.01 -1.57
C LEU A 47 3.69 -9.67 -0.35
N LEU A 48 4.14 -8.86 0.61
CA LEU A 48 4.81 -9.37 1.82
C LEU A 48 3.83 -10.11 2.76
N SER A 49 2.62 -9.55 2.90
CA SER A 49 1.58 -10.13 3.76
C SER A 49 1.00 -11.43 3.17
N LEU A 50 0.78 -11.43 1.84
CA LEU A 50 0.24 -12.59 1.12
C LEU A 50 1.25 -13.75 1.03
N ASN A 51 2.52 -13.42 0.75
CA ASN A 51 3.59 -14.42 0.62
C ASN A 51 3.98 -15.02 1.98
N PHE A 52 4.27 -14.14 2.96
CA PHE A 52 4.66 -14.56 4.32
C PHE A 52 3.46 -15.11 5.10
#